data_2PUM
#
_entry.id   2PUM
#
_cell.length_a   54.422
_cell.length_b   80.489
_cell.length_c   77.321
_cell.angle_alpha   90.00
_cell.angle_beta   102.60
_cell.angle_gamma   90.00
#
_symmetry.space_group_name_H-M   'P 1 21 1'
#
loop_
_entity.id
_entity.type
_entity.pdbx_description
1 polymer Lactoperoxidase
2 branched alpha-D-mannopyranose-(1-4)-2-acetamido-2-deoxy-beta-D-glucopyranose-(1-4)-2-acetamido-2-deoxy-beta-D-glucopyranose
3 branched 2-acetamido-2-deoxy-beta-D-glucopyranose-(1-4)-2-acetamido-2-deoxy-beta-D-glucopyranose
4 non-polymer 'CALCIUM ION'
5 non-polymer 'THIOCYANATE ION'
6 non-polymer 'IODIDE ION'
7 non-polymer 'PROTOPORPHYRIN IX CONTAINING FE'
8 non-polymer CATECHOL
9 water water
#
_entity_poly.entity_id   1
_entity_poly.type   'polypeptide(L)'
_entity_poly.pdbx_seq_one_letter_code
;SWEVGCGAPVPLVKCDENSPYRTITGDCNNRRSPALGAANRALARWLPAEYEDGLALPFGWTQRKTRNGFRVPLAREVSN
KIVGYLDEEGVLDQNRSLLFMQWGQIVDHDLDFAPETELGSNEHSKTQCEEYCIQGDNCFPIMFPKNDPKLKTQGKCMPF
FRAGFVCPTPPYQSLAREQINAVTSFLDASLVYGSEP(SEP)LASRLRNLSSPLGLMAVNQEAWDHGLAYLPFNNKKPSP
CEFINTTARVPCFLAGDFRASEQILLATAHTLLLREHNRLARELKKLNPHWNGEKLYQEARKILGAFIQIITFRDYLPIV
LGSEMQKWIPPYQGYNNSVDPRISNVFTFAFRFGHMEVPSTVSRLDENYQPWGPEAELPLHTLFFNTWRIIKDGGIDPLV
RGLLAKKSKLMNQDKMVTSELRNKLFQPTHKIHGFDLAAINLQRCRDHGMPGYNSWRGFCGLSQPKTLKGLQTVLKNKIL
AKKLMDLYKTPDNIDIWIGGNAEPMVERGRVGPLLACLLGRQFQQIRDGDRFWWENPGVFTEKQRDSLQKVSFSRLICDN
THITKVPLHAFQANNYPHDFVDCSTVDKLDLSPWASREN
;
_entity_poly.pdbx_strand_id   A
#
# COMPACT_ATOMS: atom_id res chain seq x y z
N SER A 1 -19.08 -16.24 -0.68
CA SER A 1 -20.27 -15.74 -1.25
C SER A 1 -21.40 -16.69 -1.08
N TRP A 2 -22.51 -16.01 -1.25
CA TRP A 2 -23.78 -16.58 -1.23
C TRP A 2 -24.31 -17.18 0.16
N GLU A 3 -24.72 -16.25 1.09
CA GLU A 3 -25.42 -16.27 2.45
C GLU A 3 -25.60 -14.80 2.45
N VAL A 4 -25.72 -14.63 1.16
CA VAL A 4 -25.86 -13.60 0.15
C VAL A 4 -26.00 -12.14 0.46
N GLY A 5 -26.62 -11.87 1.58
CA GLY A 5 -26.81 -10.52 1.96
C GLY A 5 -26.51 -10.37 3.42
N CYS A 6 -25.30 -9.98 3.75
CA CYS A 6 -24.99 -9.71 5.12
C CYS A 6 -24.25 -8.43 5.11
N GLY A 7 -24.29 -7.73 6.24
CA GLY A 7 -23.45 -6.55 6.24
C GLY A 7 -24.02 -5.21 6.60
N ALA A 8 -23.81 -4.84 7.83
CA ALA A 8 -24.37 -3.59 8.27
C ALA A 8 -23.39 -2.44 8.04
N PRO A 9 -22.13 -2.79 7.80
CA PRO A 9 -21.05 -1.77 7.62
C PRO A 9 -21.33 -0.71 6.70
N VAL A 10 -21.89 -1.24 5.76
CA VAL A 10 -22.18 -0.51 4.67
C VAL A 10 -22.85 0.86 4.84
N PRO A 11 -22.17 1.94 4.39
CA PRO A 11 -22.88 3.21 4.23
C PRO A 11 -24.07 3.01 3.32
N LEU A 12 -25.22 3.64 3.54
CA LEU A 12 -26.36 3.40 2.65
C LEU A 12 -26.91 4.61 1.84
N VAL A 13 -26.68 4.58 0.51
CA VAL A 13 -27.13 5.64 -0.42
C VAL A 13 -27.29 5.24 -1.92
N LYS A 14 -27.78 6.22 -2.68
CA LYS A 14 -28.27 6.11 -4.06
C LYS A 14 -27.36 6.47 -5.28
N CYS A 15 -27.64 5.83 -6.42
CA CYS A 15 -26.89 5.98 -7.67
C CYS A 15 -27.53 6.93 -8.71
N ASP A 16 -26.70 7.76 -9.36
CA ASP A 16 -27.20 8.65 -10.42
C ASP A 16 -27.31 7.95 -11.76
N GLU A 17 -26.34 7.09 -12.07
CA GLU A 17 -26.38 6.28 -13.31
C GLU A 17 -26.12 7.08 -14.57
N ASN A 18 -25.96 8.38 -14.41
CA ASN A 18 -25.60 9.20 -15.54
C ASN A 18 -24.58 10.23 -15.12
N SER A 19 -24.08 10.07 -13.90
CA SER A 19 -23.03 10.93 -13.39
C SER A 19 -21.74 10.58 -14.10
N PRO A 20 -21.02 11.59 -14.54
CA PRO A 20 -19.70 11.39 -15.13
C PRO A 20 -18.59 11.17 -14.05
N TYR A 21 -18.97 11.02 -12.78
CA TYR A 21 -17.99 10.92 -11.73
C TYR A 21 -18.15 9.71 -10.78
N ARG A 22 -17.03 9.15 -10.32
CA ARG A 22 -17.08 7.98 -9.44
C ARG A 22 -17.65 8.45 -8.16
N THR A 23 -18.31 7.58 -7.41
CA THR A 23 -18.66 7.96 -6.03
C THR A 23 -17.37 8.00 -5.19
N ILE A 24 -17.48 8.45 -3.95
CA ILE A 24 -16.34 8.46 -3.06
C ILE A 24 -16.15 7.04 -2.52
N THR A 25 -17.25 6.31 -2.40
CA THR A 25 -17.24 5.02 -1.76
C THR A 25 -16.99 3.87 -2.71
N GLY A 26 -17.23 4.10 -3.99
CA GLY A 26 -17.01 3.05 -4.95
C GLY A 26 -18.32 2.49 -5.43
N ASP A 27 -19.33 2.71 -4.64
CA ASP A 27 -20.69 2.36 -5.04
C ASP A 27 -21.02 2.92 -6.41
N CYS A 28 -21.86 2.18 -7.13
CA CYS A 28 -22.41 2.61 -8.41
C CYS A 28 -21.49 2.51 -9.58
N ASN A 29 -20.35 1.84 -9.42
CA ASN A 29 -19.46 1.66 -10.56
C ASN A 29 -20.12 0.65 -11.47
N ASN A 30 -20.58 -0.46 -10.85
CA ASN A 30 -21.28 -1.59 -11.49
C ASN A 30 -22.78 -1.39 -11.39
N ARG A 31 -23.38 -1.49 -12.54
CA ARG A 31 -24.79 -1.17 -12.67
C ARG A 31 -25.72 -2.25 -12.19
N ARG A 32 -25.43 -3.49 -12.48
CA ARG A 32 -26.42 -4.39 -11.98
C ARG A 32 -26.08 -4.82 -10.54
N SER A 33 -24.87 -4.54 -10.10
CA SER A 33 -24.44 -4.95 -8.78
C SER A 33 -23.66 -3.75 -8.19
N PRO A 34 -24.42 -2.76 -7.77
CA PRO A 34 -23.85 -1.45 -7.43
C PRO A 34 -22.85 -1.37 -6.28
N ALA A 35 -22.74 -2.38 -5.45
CA ALA A 35 -21.82 -2.34 -4.31
C ALA A 35 -20.47 -3.06 -4.60
N LEU A 36 -20.40 -3.77 -5.71
CA LEU A 36 -19.19 -4.47 -6.11
C LEU A 36 -18.02 -3.51 -6.27
N GLY A 37 -17.00 -3.63 -5.43
CA GLY A 37 -15.86 -2.74 -5.49
C GLY A 37 -15.88 -1.56 -4.52
N ALA A 38 -16.96 -1.41 -3.76
CA ALA A 38 -17.10 -0.35 -2.76
C ALA A 38 -16.21 -0.56 -1.55
N ALA A 39 -15.94 0.52 -0.85
CA ALA A 39 -15.17 0.42 0.37
C ALA A 39 -16.07 -0.13 1.47
N ASN A 40 -15.50 -0.49 2.62
CA ASN A 40 -16.25 -1.05 3.75
C ASN A 40 -17.04 -2.31 3.48
N ARG A 41 -16.46 -3.19 2.67
CA ARG A 41 -17.05 -4.49 2.45
C ARG A 41 -15.98 -5.54 2.46
N ALA A 42 -16.41 -6.79 2.43
CA ALA A 42 -15.45 -7.87 2.51
C ALA A 42 -14.46 -7.92 1.35
N LEU A 43 -13.23 -8.28 1.68
CA LEU A 43 -12.25 -8.59 0.68
C LEU A 43 -12.83 -9.80 -0.02
N ALA A 44 -12.60 -9.97 -1.31
CA ALA A 44 -13.11 -11.14 -2.02
C ALA A 44 -12.32 -12.42 -1.63
N ARG A 45 -12.90 -13.60 -1.83
CA ARG A 45 -12.23 -14.83 -1.50
C ARG A 45 -12.07 -15.63 -2.72
N TRP A 46 -10.87 -15.62 -3.29
CA TRP A 46 -10.61 -16.43 -4.47
C TRP A 46 -10.66 -17.94 -4.12
N LEU A 47 -10.34 -18.28 -2.86
CA LEU A 47 -10.45 -19.66 -2.38
C LEU A 47 -11.02 -19.61 -0.98
N PRO A 48 -11.56 -20.70 -0.50
CA PRO A 48 -12.19 -20.70 0.82
C PRO A 48 -11.19 -20.50 1.94
N ALA A 49 -11.60 -19.70 2.90
CA ALA A 49 -10.76 -19.47 4.06
C ALA A 49 -10.35 -20.77 4.73
N GLU A 50 -9.16 -20.80 5.29
CA GLU A 50 -8.72 -21.95 6.04
C GLU A 50 -8.40 -21.52 7.42
N TYR A 51 -9.31 -21.85 8.34
CA TYR A 51 -9.23 -21.47 9.75
C TYR A 51 -9.09 -22.73 10.58
N GLU A 52 -8.47 -22.63 11.75
CA GLU A 52 -8.22 -23.78 12.66
C GLU A 52 -9.52 -24.54 12.97
N ASP A 53 -10.59 -23.81 13.21
CA ASP A 53 -11.85 -24.44 13.52
C ASP A 53 -12.80 -24.28 12.36
N GLY A 54 -12.21 -24.06 11.19
CA GLY A 54 -12.97 -23.94 9.96
C GLY A 54 -13.81 -22.69 9.78
N LEU A 55 -14.00 -21.89 10.83
CA LEU A 55 -14.88 -20.69 10.82
C LEU A 55 -14.23 -19.35 11.05
N ALA A 56 -13.37 -19.28 12.06
CA ALA A 56 -12.78 -18.01 12.41
C ALA A 56 -11.47 -18.04 13.24
N LEU A 57 -11.17 -19.16 13.89
CA LEU A 57 -9.97 -19.21 14.72
C LEU A 57 -8.77 -19.46 13.83
N PRO A 58 -7.73 -18.66 14.01
CA PRO A 58 -6.57 -18.75 13.13
C PRO A 58 -5.73 -19.95 13.50
N PHE A 59 -4.85 -20.39 12.60
CA PHE A 59 -3.91 -21.45 12.91
C PHE A 59 -2.82 -20.89 13.80
N GLY A 60 -2.43 -21.64 14.83
CA GLY A 60 -1.50 -21.17 15.83
C GLY A 60 -2.22 -20.72 17.10
N TRP A 61 -3.54 -20.61 17.01
CA TRP A 61 -4.35 -20.16 18.14
C TRP A 61 -4.38 -21.21 19.21
N THR A 62 -4.93 -22.37 18.90
CA THR A 62 -5.02 -23.43 19.90
C THR A 62 -3.73 -24.20 19.82
N GLN A 63 -3.03 -24.25 20.94
CA GLN A 63 -1.67 -24.72 20.93
C GLN A 63 -1.50 -26.20 20.49
N ARG A 64 -2.53 -27.01 20.64
CA ARG A 64 -2.38 -28.41 20.27
C ARG A 64 -3.09 -28.83 18.98
N LYS A 65 -3.77 -27.91 18.31
CA LYS A 65 -4.39 -28.21 17.02
C LYS A 65 -3.30 -28.02 15.96
N THR A 66 -3.05 -28.99 15.12
CA THR A 66 -2.04 -28.80 14.11
C THR A 66 -2.63 -28.37 12.79
N ARG A 67 -1.77 -28.05 11.83
CA ARG A 67 -2.22 -27.79 10.49
C ARG A 67 -1.62 -28.93 9.71
N ASN A 68 -2.44 -29.77 9.12
CA ASN A 68 -1.89 -30.90 8.38
C ASN A 68 -0.99 -31.88 9.17
N GLY A 69 -1.14 -31.95 10.49
CA GLY A 69 -0.32 -32.86 11.24
C GLY A 69 0.83 -32.18 11.97
N PHE A 70 1.14 -30.94 11.61
CA PHE A 70 2.23 -30.25 12.28
C PHE A 70 1.81 -28.89 12.88
N ARG A 71 2.63 -28.51 13.85
CA ARG A 71 2.57 -27.25 14.53
C ARG A 71 3.03 -26.19 13.57
N VAL A 72 2.28 -25.11 13.43
CA VAL A 72 2.77 -24.02 12.60
C VAL A 72 3.86 -23.33 13.42
N PRO A 73 4.98 -22.99 12.79
CA PRO A 73 6.04 -22.28 13.50
C PRO A 73 5.65 -20.86 13.85
N LEU A 74 6.23 -20.35 14.93
CA LEU A 74 5.99 -19.01 15.45
C LEU A 74 6.29 -17.97 14.38
N ALA A 75 5.48 -16.94 14.30
CA ALA A 75 5.71 -15.87 13.35
C ALA A 75 7.12 -15.32 13.49
N ARG A 76 7.44 -14.89 14.68
CA ARG A 76 8.75 -14.31 14.94
C ARG A 76 9.97 -15.26 14.79
N GLU A 77 9.75 -16.56 14.96
CA GLU A 77 10.88 -17.48 14.78
C GLU A 77 11.21 -17.62 13.29
N VAL A 78 10.17 -17.67 12.46
CA VAL A 78 10.32 -17.68 11.02
C VAL A 78 11.02 -16.41 10.62
N SER A 79 10.69 -15.33 11.30
CA SER A 79 11.34 -14.04 11.07
C SER A 79 12.83 -14.13 11.38
N ASN A 80 13.19 -14.56 12.58
CA ASN A 80 14.61 -14.68 12.95
C ASN A 80 15.45 -15.64 12.06
N LYS A 81 14.88 -16.74 11.61
CA LYS A 81 15.73 -17.70 10.93
C LYS A 81 15.84 -17.50 9.44
N ILE A 82 14.79 -16.91 8.88
CA ILE A 82 14.67 -16.77 7.44
C ILE A 82 14.74 -15.32 6.99
N VAL A 83 14.01 -14.46 7.66
CA VAL A 83 13.88 -13.12 7.15
C VAL A 83 15.02 -12.14 7.36
N GLY A 84 15.69 -12.22 8.52
CA GLY A 84 16.68 -11.24 8.87
C GLY A 84 18.06 -11.41 8.31
N TYR A 85 18.82 -10.34 8.38
CA TYR A 85 20.21 -10.30 7.97
C TYR A 85 20.92 -9.08 8.62
N LEU A 86 22.24 -9.01 8.53
CA LEU A 86 22.93 -7.98 9.25
C LEU A 86 23.57 -6.99 8.32
N ASP A 87 23.94 -7.47 7.16
CA ASP A 87 24.79 -6.64 6.33
C ASP A 87 24.06 -5.96 5.21
N GLU A 88 23.91 -4.65 5.33
CA GLU A 88 23.25 -3.91 4.30
C GLU A 88 24.11 -3.76 3.04
N GLU A 89 25.38 -4.12 3.12
CA GLU A 89 26.23 -3.91 1.95
C GLU A 89 25.77 -4.82 0.87
N GLY A 90 25.72 -4.30 -0.34
CA GLY A 90 25.40 -5.07 -1.54
C GLY A 90 23.95 -5.35 -1.75
N VAL A 91 23.09 -4.70 -1.00
CA VAL A 91 21.68 -5.06 -0.97
C VAL A 91 20.80 -4.24 -1.90
N LEU A 92 21.32 -3.12 -2.41
CA LEU A 92 20.62 -2.19 -3.30
C LEU A 92 20.37 -2.68 -4.73
N ASP A 93 19.18 -2.34 -5.23
CA ASP A 93 18.77 -2.73 -6.54
C ASP A 93 19.45 -1.83 -7.57
N GLN A 94 20.48 -2.34 -8.23
CA GLN A 94 21.09 -1.62 -9.33
C GLN A 94 20.11 -1.03 -10.41
N ASN A 95 18.88 -1.51 -10.56
CA ASN A 95 18.05 -0.97 -11.64
C ASN A 95 16.64 -0.52 -11.24
N ARG A 96 16.53 -0.10 -10.01
CA ARG A 96 15.29 0.44 -9.49
C ARG A 96 15.59 1.51 -8.46
N SER A 97 15.04 2.68 -8.71
CA SER A 97 15.18 3.82 -7.81
C SER A 97 14.31 3.63 -6.60
N LEU A 98 14.54 4.42 -5.55
CA LEU A 98 13.72 4.38 -4.34
C LEU A 98 12.23 4.61 -4.64
N LEU A 99 11.98 5.36 -5.70
CA LEU A 99 10.62 5.67 -6.04
C LEU A 99 9.88 4.38 -6.47
N PHE A 100 10.59 3.38 -6.97
CA PHE A 100 9.98 2.10 -7.33
C PHE A 100 9.32 1.49 -6.09
N MET A 101 10.08 1.35 -5.01
CA MET A 101 9.51 0.89 -3.75
C MET A 101 8.32 1.72 -3.36
N GLN A 102 8.41 3.03 -3.55
CA GLN A 102 7.43 3.96 -3.05
C GLN A 102 6.12 4.07 -3.84
N TRP A 103 6.18 3.93 -5.16
CA TRP A 103 4.94 3.97 -5.91
C TRP A 103 4.09 2.77 -5.54
N GLY A 104 4.75 1.68 -5.19
CA GLY A 104 4.06 0.49 -4.84
C GLY A 104 3.22 0.66 -3.61
N GLN A 105 3.74 1.39 -2.62
CA GLN A 105 2.98 1.63 -1.41
C GLN A 105 1.80 2.59 -1.67
N ILE A 106 1.96 3.50 -2.62
CA ILE A 106 0.83 4.35 -2.97
C ILE A 106 -0.30 3.53 -3.58
N VAL A 107 0.04 2.76 -4.60
CA VAL A 107 -0.94 1.90 -5.28
C VAL A 107 -1.65 0.94 -4.33
N ASP A 108 -0.89 0.19 -3.51
CA ASP A 108 -1.47 -0.74 -2.53
C ASP A 108 -2.49 -0.03 -1.62
N HIS A 109 -2.16 1.17 -1.13
CA HIS A 109 -2.99 1.91 -0.18
C HIS A 109 -4.23 2.47 -0.84
N ASP A 110 -4.22 2.63 -2.18
CA ASP A 110 -5.38 3.11 -2.96
C ASP A 110 -6.30 1.90 -3.11
N LEU A 111 -5.74 0.72 -3.01
CA LEU A 111 -6.48 -0.49 -3.30
C LEU A 111 -7.08 -1.27 -2.15
N ASP A 112 -6.39 -1.33 -1.02
CA ASP A 112 -6.88 -2.18 0.06
C ASP A 112 -6.36 -1.76 1.40
N PHE A 113 -7.18 -1.89 2.43
CA PHE A 113 -6.80 -1.60 3.80
C PHE A 113 -7.70 -2.37 4.74
N ALA A 114 -7.16 -3.36 5.43
CA ALA A 114 -7.96 -4.11 6.39
C ALA A 114 -7.61 -3.62 7.77
N PRO A 115 -8.36 -2.69 8.30
CA PRO A 115 -8.00 -2.08 9.57
C PRO A 115 -8.21 -3.04 10.74
N GLU A 116 -7.50 -2.83 11.84
CA GLU A 116 -7.63 -3.68 13.01
C GLU A 116 -8.93 -3.42 13.73
N THR A 117 -9.32 -4.40 14.50
CA THR A 117 -10.48 -4.29 15.33
C THR A 117 -10.15 -3.32 16.42
N GLU A 118 -10.89 -2.27 16.65
CA GLU A 118 -10.45 -1.44 17.78
CA GLU A 118 -10.46 -1.38 17.76
C GLU A 118 -11.29 -1.78 19.02
N LEU A 119 -12.60 -1.54 19.10
CA LEU A 119 -13.56 -2.15 20.01
C LEU A 119 -13.45 -1.54 21.40
N GLY A 120 -13.11 -0.26 21.40
CA GLY A 120 -13.08 0.49 22.64
C GLY A 120 -11.88 1.35 22.95
N SER A 121 -12.21 2.58 23.23
CA SER A 121 -11.28 3.57 23.72
C SER A 121 -11.53 3.56 25.21
N ASN A 122 -11.38 2.38 25.79
CA ASN A 122 -11.70 2.17 27.19
C ASN A 122 -10.78 1.17 27.85
N GLU A 123 -10.91 -0.04 27.34
CA GLU A 123 -10.39 -1.27 27.89
C GLU A 123 -8.92 -1.55 28.14
N HIS A 124 -8.71 -2.16 29.29
CA HIS A 124 -7.44 -2.78 29.52
C HIS A 124 -7.66 -4.03 28.69
N SER A 125 -7.62 -3.84 27.38
CA SER A 125 -7.65 -4.92 26.40
C SER A 125 -6.70 -4.43 25.39
N LYS A 126 -6.45 -3.13 25.40
CA LYS A 126 -5.38 -2.67 24.55
C LYS A 126 -4.18 -2.71 25.47
N THR A 127 -4.44 -3.14 26.71
CA THR A 127 -3.45 -3.20 27.76
C THR A 127 -3.37 -4.62 28.35
N GLN A 128 -4.51 -5.31 28.46
CA GLN A 128 -4.50 -6.72 28.90
C GLN A 128 -3.72 -7.54 27.86
N CYS A 129 -3.65 -7.00 26.64
CA CYS A 129 -2.92 -7.62 25.54
C CYS A 129 -1.47 -7.14 25.56
N GLU A 130 -1.31 -5.83 25.61
CA GLU A 130 0.01 -5.21 25.74
C GLU A 130 0.86 -5.83 26.85
N GLU A 131 0.36 -5.75 28.07
CA GLU A 131 1.20 -6.07 29.24
C GLU A 131 1.36 -7.56 29.55
N TYR A 132 0.27 -8.29 29.46
CA TYR A 132 0.32 -9.64 29.95
C TYR A 132 0.39 -10.73 28.86
N CYS A 133 0.34 -10.31 27.59
CA CYS A 133 0.42 -11.25 26.46
C CYS A 133 -0.60 -12.37 26.52
N ILE A 134 -1.80 -12.06 27.00
CA ILE A 134 -2.80 -13.11 27.11
C ILE A 134 -3.64 -13.16 25.86
N GLN A 135 -3.51 -14.28 25.16
CA GLN A 135 -4.23 -14.51 23.93
C GLN A 135 -5.71 -14.66 24.23
N GLY A 136 -6.51 -13.98 23.44
CA GLY A 136 -7.93 -14.05 23.61
C GLY A 136 -8.66 -12.96 22.88
N ASP A 137 -9.87 -13.31 22.46
CA ASP A 137 -10.68 -12.41 21.69
C ASP A 137 -9.79 -11.87 20.59
N ASN A 138 -9.83 -10.57 20.42
CA ASN A 138 -9.06 -9.98 19.37
C ASN A 138 -7.60 -9.73 19.70
N CYS A 139 -7.15 -10.23 20.84
CA CYS A 139 -5.73 -10.14 21.16
C CYS A 139 -5.15 -11.46 20.75
N PHE A 140 -4.13 -11.43 19.92
CA PHE A 140 -3.59 -12.66 19.30
C PHE A 140 -2.09 -12.48 19.12
N PRO A 141 -1.37 -12.50 20.25
CA PRO A 141 -0.05 -11.88 20.30
C PRO A 141 1.07 -12.66 19.71
N ILE A 142 2.14 -11.98 19.30
CA ILE A 142 3.27 -12.65 18.67
C ILE A 142 4.22 -12.94 19.79
N MET A 143 4.25 -14.20 20.19
CA MET A 143 5.14 -14.70 21.22
C MET A 143 6.55 -14.76 20.70
N PHE A 144 7.52 -14.54 21.57
CA PHE A 144 8.93 -14.62 21.21
C PHE A 144 9.49 -16.01 21.41
N PRO A 145 10.30 -16.44 20.46
CA PRO A 145 11.16 -17.62 20.51
C PRO A 145 12.12 -17.68 21.66
N LYS A 146 12.52 -18.89 22.06
CA LYS A 146 13.62 -18.96 23.01
C LYS A 146 14.87 -18.57 22.18
N ASN A 147 15.77 -17.80 22.80
CA ASN A 147 16.98 -17.20 22.17
C ASN A 147 16.73 -15.87 21.47
N ASP A 148 15.48 -15.40 21.47
CA ASP A 148 15.20 -14.11 20.87
C ASP A 148 15.68 -13.02 21.79
N PRO A 149 16.62 -12.21 21.36
CA PRO A 149 17.04 -11.05 22.13
C PRO A 149 15.92 -10.19 22.70
N LYS A 150 14.83 -9.97 21.96
CA LYS A 150 13.76 -9.11 22.42
C LYS A 150 13.16 -9.51 23.79
N LEU A 151 13.37 -10.78 24.15
CA LEU A 151 12.96 -11.31 25.43
C LEU A 151 13.66 -10.56 26.55
N LYS A 152 14.96 -10.39 26.38
CA LYS A 152 15.77 -9.72 27.38
C LYS A 152 15.41 -8.27 27.49
N THR A 153 14.93 -7.71 26.41
CA THR A 153 14.81 -6.27 26.33
C THR A 153 13.43 -5.65 26.22
N GLN A 154 12.44 -6.44 25.80
CA GLN A 154 11.14 -5.88 25.48
C GLN A 154 10.02 -6.48 26.27
N GLY A 155 10.07 -7.79 26.47
CA GLY A 155 8.98 -8.44 27.17
C GLY A 155 8.79 -9.86 26.67
N LYS A 156 7.53 -10.31 26.61
CA LYS A 156 7.25 -11.69 26.27
C LYS A 156 6.65 -11.91 24.90
N CYS A 157 6.12 -10.85 24.31
CA CYS A 157 5.45 -10.97 23.05
C CYS A 157 5.34 -9.61 22.47
N MET A 158 4.90 -9.55 21.21
CA MET A 158 4.52 -8.29 20.64
C MET A 158 2.99 -8.30 20.54
N PRO A 159 2.34 -7.23 20.97
CA PRO A 159 0.91 -7.07 20.77
C PRO A 159 0.52 -7.06 19.28
N PHE A 160 -0.61 -7.69 19.00
CA PHE A 160 -1.14 -7.83 17.67
C PHE A 160 -2.62 -8.01 17.86
N PHE A 161 -3.39 -7.39 17.00
CA PHE A 161 -4.82 -7.43 17.12
C PHE A 161 -5.46 -7.91 15.85
N ARG A 162 -6.43 -8.80 15.97
CA ARG A 162 -7.02 -9.36 14.78
C ARG A 162 -7.71 -8.29 13.99
N ALA A 163 -7.67 -8.47 12.67
CA ALA A 163 -8.24 -7.53 11.74
C ALA A 163 -9.77 -7.48 11.79
N GLY A 164 -10.32 -6.36 11.31
CA GLY A 164 -11.76 -6.20 11.31
C GLY A 164 -12.41 -7.15 10.35
N PHE A 165 -13.67 -7.53 10.65
CA PHE A 165 -14.47 -8.46 9.85
C PHE A 165 -15.88 -7.91 9.59
N VAL A 166 -16.52 -8.40 8.52
CA VAL A 166 -17.86 -7.94 8.08
C VAL A 166 -19.01 -8.28 8.94
N CYS A 167 -20.02 -7.54 8.59
CA CYS A 167 -21.10 -7.48 9.42
C CYS A 167 -20.50 -6.74 10.66
N PRO A 168 -20.53 -7.36 11.86
CA PRO A 168 -20.06 -6.65 13.12
C PRO A 168 -18.70 -5.98 13.27
N THR A 169 -18.33 -6.18 14.56
CA THR A 169 -17.15 -5.94 15.35
C THR A 169 -17.34 -6.98 16.54
N PRO A 170 -18.55 -7.11 17.28
CA PRO A 170 -18.75 -8.29 18.22
C PRO A 170 -18.59 -9.73 17.61
N PRO A 171 -18.25 -10.76 18.49
CA PRO A 171 -17.99 -12.18 18.06
C PRO A 171 -19.06 -12.76 17.20
N TYR A 172 -18.79 -12.82 15.94
CA TYR A 172 -19.95 -13.14 15.14
C TYR A 172 -20.40 -14.60 15.07
N GLN A 173 -21.74 -14.72 14.93
CA GLN A 173 -22.37 -16.04 14.90
C GLN A 173 -22.22 -16.81 13.58
N SER A 174 -22.84 -16.66 12.40
CA SER A 174 -22.30 -17.69 11.48
C SER A 174 -22.26 -17.57 9.92
N LEU A 175 -21.05 -18.00 9.38
CA LEU A 175 -20.72 -18.10 7.91
C LEU A 175 -19.31 -18.69 7.64
N ALA A 176 -18.29 -17.89 8.00
CA ALA A 176 -16.84 -18.05 7.88
C ALA A 176 -16.39 -16.62 7.93
N ARG A 177 -15.41 -16.31 8.77
CA ARG A 177 -15.01 -14.94 8.97
C ARG A 177 -14.34 -14.21 7.80
N GLU A 178 -14.87 -13.05 7.43
CA GLU A 178 -14.34 -12.29 6.27
C GLU A 178 -13.85 -10.88 6.68
N GLN A 179 -12.64 -10.53 6.25
CA GLN A 179 -12.02 -9.27 6.67
C GLN A 179 -12.56 -8.12 5.84
N ILE A 180 -12.67 -6.95 6.44
CA ILE A 180 -13.18 -5.81 5.73
C ILE A 180 -12.09 -5.20 4.87
N ASN A 181 -12.45 -4.67 3.70
CA ASN A 181 -11.55 -3.75 2.97
C ASN A 181 -12.18 -2.37 3.19
N ALA A 182 -11.44 -1.44 3.78
CA ALA A 182 -12.00 -0.13 4.14
C ALA A 182 -11.83 0.95 3.06
N VAL A 183 -11.42 0.54 1.88
CA VAL A 183 -11.16 1.49 0.81
C VAL A 183 -11.71 0.93 -0.51
N THR A 184 -11.64 1.70 -1.59
CA THR A 184 -12.25 1.26 -2.81
C THR A 184 -11.29 0.42 -3.60
N SER A 185 -11.76 -0.72 -4.11
CA SER A 185 -10.94 -1.58 -4.92
C SER A 185 -10.50 -0.92 -6.23
N PHE A 186 -11.18 0.11 -6.69
CA PHE A 186 -10.83 0.71 -7.98
C PHE A 186 -9.65 1.63 -7.78
N LEU A 187 -8.68 1.57 -8.69
CA LEU A 187 -7.50 2.45 -8.69
C LEU A 187 -8.01 3.84 -9.08
N ASP A 188 -8.45 4.57 -8.08
CA ASP A 188 -9.16 5.81 -8.24
C ASP A 188 -8.65 7.02 -7.40
N ALA A 189 -7.46 6.93 -6.83
CA ALA A 189 -6.92 8.02 -6.05
C ALA A 189 -7.69 8.21 -4.74
N SER A 190 -8.24 7.11 -4.22
CA SER A 190 -9.00 7.19 -3.00
C SER A 190 -8.09 7.53 -1.85
N LEU A 191 -6.79 7.47 -2.05
CA LEU A 191 -5.87 7.74 -0.95
C LEU A 191 -5.67 9.24 -0.81
N VAL A 192 -5.97 9.99 -1.87
CA VAL A 192 -5.93 11.45 -1.84
C VAL A 192 -7.28 11.97 -1.42
N TYR A 193 -8.34 11.45 -2.00
CA TYR A 193 -9.65 12.00 -1.74
C TYR A 193 -10.46 11.41 -0.56
N GLY A 194 -10.12 10.23 -0.10
CA GLY A 194 -10.88 9.63 1.00
C GLY A 194 -11.81 8.60 0.38
N SER A 195 -12.28 7.63 1.18
CA SER A 195 -13.21 6.61 0.71
C SER A 195 -14.53 6.80 1.37
N GLU A 196 -14.60 7.79 2.20
CA GLU A 196 -15.85 8.03 2.89
C GLU A 196 -16.47 9.39 2.67
N PRO A 197 -17.79 9.36 2.74
CA PRO A 197 -18.64 10.59 2.63
C PRO A 197 -18.42 11.73 3.62
N LEU A 199 -15.15 11.82 5.40
CA LEU A 199 -13.82 12.31 5.31
C LEU A 199 -13.66 13.14 4.07
N ALA A 200 -14.16 12.61 2.96
CA ALA A 200 -13.94 13.28 1.69
C ALA A 200 -14.28 14.75 1.77
N SER A 201 -15.36 15.05 2.46
CA SER A 201 -15.79 16.43 2.59
C SER A 201 -14.89 17.25 3.53
N ARG A 202 -14.48 16.70 4.65
CA ARG A 202 -13.66 17.42 5.56
C ARG A 202 -12.31 17.82 4.95
N LEU A 203 -11.94 17.14 3.89
CA LEU A 203 -10.66 17.37 3.30
C LEU A 203 -10.71 18.48 2.32
N ARG A 204 -11.91 18.79 1.86
CA ARG A 204 -12.00 19.81 0.83
C ARG A 204 -12.01 21.21 1.43
N ASN A 205 -11.64 22.19 0.60
CA ASN A 205 -11.70 23.58 0.98
C ASN A 205 -12.99 24.14 0.43
N LEU A 206 -13.98 24.21 1.29
CA LEU A 206 -15.29 24.68 0.90
C LEU A 206 -15.56 26.13 1.35
N SER A 207 -14.51 26.92 1.50
CA SER A 207 -14.66 28.31 1.85
C SER A 207 -14.62 29.04 0.52
N SER A 208 -13.60 28.75 -0.27
CA SER A 208 -13.55 29.22 -1.65
C SER A 208 -14.20 28.15 -2.58
N PRO A 209 -14.89 28.58 -3.61
CA PRO A 209 -15.51 27.63 -4.52
C PRO A 209 -14.62 27.49 -5.74
N LEU A 210 -13.38 27.04 -5.53
CA LEU A 210 -12.42 26.81 -6.60
C LEU A 210 -12.11 25.33 -6.67
N GLY A 211 -12.81 24.54 -5.87
CA GLY A 211 -12.66 23.10 -5.85
C GLY A 211 -11.30 22.67 -5.36
N LEU A 212 -10.72 23.44 -4.45
CA LEU A 212 -9.41 23.12 -3.92
C LEU A 212 -9.51 22.17 -2.72
N MET A 213 -8.40 21.49 -2.47
CA MET A 213 -8.29 20.65 -1.30
C MET A 213 -7.74 21.60 -0.26
N ALA A 214 -8.02 21.30 0.99
CA ALA A 214 -7.62 22.11 2.13
C ALA A 214 -6.17 21.97 2.30
N VAL A 215 -5.48 23.02 2.68
CA VAL A 215 -4.04 22.91 2.91
C VAL A 215 -3.68 23.36 4.30
N ASN A 216 -2.47 22.98 4.71
CA ASN A 216 -1.95 23.41 6.00
C ASN A 216 -1.93 24.94 6.04
N GLN A 217 -2.26 25.47 7.21
CA GLN A 217 -2.35 26.90 7.40
C GLN A 217 -1.27 27.32 8.35
N GLU A 218 -0.72 26.37 9.09
CA GLU A 218 0.29 26.71 10.08
C GLU A 218 1.70 26.69 9.50
N ALA A 219 1.88 26.14 8.29
CA ALA A 219 3.24 25.99 7.71
C ALA A 219 3.31 25.80 6.21
N TRP A 220 4.40 26.29 5.62
CA TRP A 220 4.57 26.33 4.16
C TRP A 220 5.91 25.78 3.66
N ASP A 221 5.99 25.39 2.39
CA ASP A 221 7.23 24.84 1.85
C ASP A 221 7.55 25.73 0.68
N HIS A 222 8.30 26.79 0.96
CA HIS A 222 8.56 27.91 0.05
C HIS A 222 7.29 28.28 -0.70
N GLY A 223 6.27 28.68 0.05
CA GLY A 223 5.00 29.01 -0.55
C GLY A 223 4.36 27.88 -1.32
N LEU A 224 4.76 26.64 -1.04
CA LEU A 224 4.01 25.53 -1.61
C LEU A 224 3.26 24.85 -0.48
N ALA A 225 2.15 24.21 -0.82
CA ALA A 225 1.28 23.51 0.13
C ALA A 225 1.86 22.31 0.88
N TYR A 226 1.36 22.14 2.09
CA TYR A 226 1.63 20.98 2.89
C TYR A 226 0.24 20.38 3.15
N LEU A 227 0.13 19.14 3.56
CA LEU A 227 -1.17 18.64 3.98
C LEU A 227 -1.63 19.30 5.32
N PRO A 228 -2.94 19.45 5.49
CA PRO A 228 -3.48 19.87 6.79
C PRO A 228 -3.01 18.95 7.88
N PHE A 229 -2.83 19.47 9.09
CA PHE A 229 -2.49 18.61 10.20
C PHE A 229 -3.74 17.82 10.58
N ASN A 230 -3.58 16.61 11.11
CA ASN A 230 -4.74 15.94 11.65
C ASN A 230 -5.03 16.44 13.06
N ASN A 231 -6.32 16.69 13.25
CA ASN A 231 -6.99 17.05 14.50
C ASN A 231 -6.62 16.24 15.75
N LYS A 232 -6.68 14.92 15.59
CA LYS A 232 -6.66 13.95 16.69
C LYS A 232 -5.44 13.71 17.60
N LYS A 233 -5.53 14.18 18.84
CA LYS A 233 -4.53 13.90 19.86
C LYS A 233 -5.16 12.75 20.62
N PRO A 234 -4.42 11.75 21.08
CA PRO A 234 -2.95 11.60 21.00
C PRO A 234 -2.49 11.35 19.56
N SER A 235 -1.34 11.92 19.23
CA SER A 235 -0.80 11.88 17.89
C SER A 235 0.58 11.21 17.93
N PRO A 236 0.79 10.16 17.14
CA PRO A 236 2.04 9.42 17.22
C PRO A 236 3.14 10.29 16.65
N CYS A 237 2.81 11.20 15.75
CA CYS A 237 3.84 12.05 15.16
C CYS A 237 4.32 13.05 16.18
N GLU A 238 3.42 13.29 17.16
CA GLU A 238 3.72 14.16 18.27
C GLU A 238 4.58 13.42 19.28
N PHE A 239 4.33 12.12 19.38
CA PHE A 239 5.02 11.29 20.34
C PHE A 239 6.52 11.08 20.04
N ILE A 240 6.87 10.84 18.76
CA ILE A 240 8.28 10.54 18.40
C ILE A 240 9.23 11.71 18.75
N ASN A 241 8.74 12.90 18.90
CA ASN A 241 9.55 14.04 19.29
C ASN A 241 8.55 14.98 19.96
N THR A 242 8.59 15.07 21.34
CA THR A 242 7.59 15.88 22.03
C THR A 242 8.04 17.32 22.15
N THR A 243 9.25 17.57 21.72
CA THR A 243 9.78 18.90 21.70
C THR A 243 9.30 19.59 20.45
N ALA A 244 9.49 18.94 19.30
CA ALA A 244 9.03 19.51 18.02
C ALA A 244 7.51 19.63 18.00
N ARG A 245 6.85 18.67 18.64
CA ARG A 245 5.39 18.67 18.71
C ARG A 245 4.70 18.89 17.38
N VAL A 246 5.12 18.17 16.33
CA VAL A 246 4.44 18.26 15.03
C VAL A 246 3.53 17.05 14.80
N PRO A 247 2.21 17.29 14.65
CA PRO A 247 1.23 16.21 14.37
C PRO A 247 1.31 15.60 12.98
N CYS A 248 0.70 14.41 12.84
CA CYS A 248 0.60 13.69 11.57
C CYS A 248 -0.25 14.47 10.60
N PHE A 249 -0.12 14.13 9.33
CA PHE A 249 -0.85 14.82 8.28
C PHE A 249 -2.26 14.23 8.15
N LEU A 250 -3.24 15.06 7.79
CA LEU A 250 -4.60 14.59 7.53
C LEU A 250 -4.77 14.34 6.03
N ALA A 251 -4.93 13.08 5.62
CA ALA A 251 -5.07 12.77 4.20
C ALA A 251 -6.20 11.80 3.91
N GLY A 252 -6.40 11.56 2.61
CA GLY A 252 -7.47 10.72 2.14
C GLY A 252 -7.38 9.34 2.72
N ASP A 253 -6.19 8.89 3.07
CA ASP A 253 -5.97 7.58 3.65
C ASP A 253 -5.26 7.70 4.99
N PHE A 254 -5.76 6.95 5.96
CA PHE A 254 -5.22 7.03 7.32
C PHE A 254 -3.72 6.72 7.55
N ARG A 255 -3.09 5.91 6.68
CA ARG A 255 -1.70 5.54 6.89
C ARG A 255 -0.67 6.52 6.32
N ALA A 256 -1.13 7.63 5.74
CA ALA A 256 -0.27 8.64 5.08
C ALA A 256 1.06 8.95 5.73
N SER A 257 1.06 9.11 7.04
CA SER A 257 2.29 9.47 7.73
C SER A 257 3.02 8.33 8.39
N GLU A 258 2.81 7.08 7.91
CA GLU A 258 3.58 5.94 8.42
C GLU A 258 5.04 6.16 8.16
N GLN A 259 5.41 6.92 7.14
CA GLN A 259 6.83 7.15 6.90
C GLN A 259 7.05 8.39 6.04
N ILE A 260 8.00 9.21 6.46
CA ILE A 260 8.31 10.46 5.80
C ILE A 260 8.25 10.42 4.28
N LEU A 261 8.71 9.33 3.68
CA LEU A 261 8.69 9.23 2.22
C LEU A 261 7.29 9.00 1.66
N LEU A 262 6.43 8.36 2.44
CA LEU A 262 5.06 8.15 1.98
C LEU A 262 4.29 9.44 2.13
N ALA A 263 4.50 10.14 3.25
CA ALA A 263 3.88 11.46 3.47
C ALA A 263 4.35 12.42 2.39
N THR A 264 5.60 12.26 1.96
CA THR A 264 6.10 13.07 0.88
C THR A 264 5.25 12.87 -0.39
N ALA A 265 5.11 11.63 -0.83
CA ALA A 265 4.27 11.31 -1.96
C ALA A 265 2.86 11.86 -1.88
N HIS A 266 2.26 11.77 -0.71
CA HIS A 266 0.90 12.27 -0.57
C HIS A 266 0.86 13.75 -0.87
N THR A 267 1.89 14.47 -0.41
CA THR A 267 2.00 15.90 -0.60
C THR A 267 2.06 16.28 -2.10
N LEU A 268 2.86 15.54 -2.87
CA LEU A 268 2.92 15.79 -4.30
C LEU A 268 1.54 15.65 -4.93
N LEU A 269 0.79 14.62 -4.52
CA LEU A 269 -0.56 14.36 -5.03
C LEU A 269 -1.59 15.40 -4.62
N LEU A 270 -1.58 15.83 -3.37
CA LEU A 270 -2.47 16.91 -2.99
C LEU A 270 -2.16 18.13 -3.85
N ARG A 271 -0.87 18.43 -3.98
CA ARG A 271 -0.42 19.59 -4.71
C ARG A 271 -0.87 19.54 -6.16
N GLU A 272 -0.80 18.38 -6.78
CA GLU A 272 -1.27 18.33 -8.15
C GLU A 272 -2.78 18.57 -8.20
N HIS A 273 -3.53 18.23 -7.16
CA HIS A 273 -4.96 18.47 -7.28
C HIS A 273 -5.28 19.98 -7.33
N ASN A 274 -4.76 20.69 -6.37
CA ASN A 274 -4.93 22.10 -6.38
C ASN A 274 -4.36 22.74 -7.67
N ARG A 275 -3.19 22.33 -8.11
CA ARG A 275 -2.61 22.88 -9.32
C ARG A 275 -3.51 22.77 -10.52
N LEU A 276 -4.22 21.67 -10.55
CA LEU A 276 -4.99 21.21 -11.67
C LEU A 276 -6.32 21.90 -11.63
N ALA A 277 -6.74 22.16 -10.42
CA ALA A 277 -7.98 22.84 -10.22
C ALA A 277 -7.80 24.32 -10.55
N ARG A 278 -6.70 24.93 -10.12
CA ARG A 278 -6.57 26.36 -10.41
C ARG A 278 -6.34 26.59 -11.90
N GLU A 279 -5.57 25.70 -12.51
CA GLU A 279 -5.44 25.68 -13.96
C GLU A 279 -6.84 25.61 -14.61
N LEU A 280 -7.71 24.72 -14.13
CA LEU A 280 -9.06 24.50 -14.73
C LEU A 280 -9.97 25.74 -14.62
N LYS A 281 -9.97 26.38 -13.46
CA LYS A 281 -10.70 27.63 -13.29
C LYS A 281 -10.26 28.61 -14.39
N LYS A 282 -8.94 28.76 -14.59
CA LYS A 282 -8.39 29.58 -15.68
C LYS A 282 -9.04 29.31 -17.03
N LEU A 283 -9.31 28.04 -17.33
CA LEU A 283 -9.84 27.68 -18.64
C LEU A 283 -11.38 27.76 -18.72
N ASN A 284 -12.04 27.47 -17.61
CA ASN A 284 -13.48 27.49 -17.60
C ASN A 284 -13.99 28.35 -16.42
N PRO A 285 -13.96 29.67 -16.58
CA PRO A 285 -14.22 30.56 -15.46
C PRO A 285 -15.60 30.35 -14.90
N HIS A 286 -16.52 29.93 -15.75
CA HIS A 286 -17.89 29.67 -15.34
C HIS A 286 -18.00 28.42 -14.49
N TRP A 287 -17.09 27.49 -14.71
CA TRP A 287 -17.09 26.24 -13.95
C TRP A 287 -17.23 26.46 -12.45
N ASN A 288 -18.00 25.56 -11.88
CA ASN A 288 -18.42 25.49 -10.50
C ASN A 288 -17.39 24.87 -9.51
N GLY A 289 -17.53 25.15 -8.22
CA GLY A 289 -16.70 24.53 -7.20
C GLY A 289 -16.70 23.00 -7.22
N GLU A 290 -17.88 22.40 -7.31
CA GLU A 290 -18.02 20.96 -7.38
C GLU A 290 -17.35 20.51 -8.68
N LYS A 291 -17.72 21.11 -9.81
CA LYS A 291 -17.15 20.64 -11.08
C LYS A 291 -15.65 20.75 -11.11
N LEU A 292 -15.11 21.77 -10.47
CA LEU A 292 -13.66 21.90 -10.39
C LEU A 292 -13.09 20.68 -9.67
N TYR A 293 -13.67 20.36 -8.53
CA TYR A 293 -13.27 19.23 -7.74
C TYR A 293 -13.42 17.95 -8.54
N GLN A 294 -14.64 17.59 -8.90
CA GLN A 294 -14.79 16.34 -9.61
C GLN A 294 -13.86 16.21 -10.81
N GLU A 295 -13.61 17.32 -11.54
CA GLU A 295 -12.77 17.16 -12.74
C GLU A 295 -11.30 17.04 -12.48
N ALA A 296 -10.76 17.73 -11.48
CA ALA A 296 -9.35 17.51 -11.13
C ALA A 296 -9.20 16.06 -10.66
N ARG A 297 -10.04 15.69 -9.70
CA ARG A 297 -10.17 14.35 -9.16
C ARG A 297 -10.13 13.25 -10.24
N LYS A 298 -11.03 13.39 -11.21
CA LYS A 298 -11.10 12.47 -12.31
C LYS A 298 -9.74 12.39 -13.04
N ILE A 299 -9.08 13.54 -13.20
CA ILE A 299 -7.80 13.49 -13.88
C ILE A 299 -6.72 12.80 -13.03
N LEU A 300 -6.66 13.14 -11.74
CA LEU A 300 -5.65 12.54 -10.85
C LEU A 300 -5.76 11.02 -10.83
N GLY A 301 -7.01 10.53 -10.80
CA GLY A 301 -7.29 9.10 -10.90
C GLY A 301 -6.75 8.49 -12.18
N ALA A 302 -7.01 9.12 -13.32
CA ALA A 302 -6.45 8.67 -14.60
C ALA A 302 -4.93 8.63 -14.52
N PHE A 303 -4.37 9.61 -13.84
CA PHE A 303 -2.93 9.70 -13.78
C PHE A 303 -2.33 8.49 -13.01
N ILE A 304 -2.87 8.22 -11.84
CA ILE A 304 -2.36 7.07 -11.07
C ILE A 304 -2.52 5.74 -11.81
N GLN A 305 -3.58 5.62 -12.58
CA GLN A 305 -3.85 4.41 -13.34
C GLN A 305 -2.79 4.24 -14.43
N ILE A 306 -2.43 5.35 -15.04
CA ILE A 306 -1.47 5.35 -16.15
C ILE A 306 -0.06 5.01 -15.70
N ILE A 307 0.43 5.72 -14.70
CA ILE A 307 1.78 5.50 -14.19
C ILE A 307 1.88 4.08 -13.69
N THR A 308 0.80 3.64 -13.10
CA THR A 308 0.79 2.31 -12.55
C THR A 308 0.80 1.30 -13.66
N PHE A 309 -0.09 1.46 -14.63
CA PHE A 309 -0.20 0.44 -15.66
C PHE A 309 0.84 0.53 -16.78
N ARG A 310 1.26 1.75 -17.10
CA ARG A 310 2.23 1.94 -18.16
C ARG A 310 3.66 1.83 -17.68
N ASP A 311 4.01 2.47 -16.55
CA ASP A 311 5.37 2.43 -16.01
C ASP A 311 5.74 1.43 -14.87
N TYR A 312 4.79 1.06 -14.03
CA TYR A 312 5.16 0.34 -12.83
C TYR A 312 4.98 -1.17 -12.95
N LEU A 313 3.82 -1.60 -13.42
CA LEU A 313 3.59 -3.04 -13.45
C LEU A 313 4.51 -3.81 -14.37
N PRO A 314 4.83 -3.31 -15.56
CA PRO A 314 5.74 -4.03 -16.45
C PRO A 314 7.10 -4.30 -15.79
N ILE A 315 7.53 -3.44 -14.87
CA ILE A 315 8.82 -3.71 -14.26
C ILE A 315 8.68 -4.40 -12.89
N VAL A 316 7.47 -4.80 -12.53
CA VAL A 316 7.27 -5.69 -11.39
C VAL A 316 7.02 -7.06 -12.03
N LEU A 317 6.03 -7.13 -12.95
CA LEU A 317 5.62 -8.39 -13.57
C LEU A 317 6.60 -8.95 -14.58
N GLY A 318 7.43 -8.09 -15.16
CA GLY A 318 8.45 -8.50 -16.12
C GLY A 318 7.83 -9.22 -17.30
N SER A 319 8.49 -10.26 -17.73
CA SER A 319 8.00 -11.03 -18.84
C SER A 319 6.58 -11.60 -18.63
N GLU A 320 6.16 -11.73 -17.36
CA GLU A 320 4.85 -12.31 -17.06
C GLU A 320 3.67 -11.36 -17.31
N MET A 321 3.96 -10.08 -17.39
CA MET A 321 2.95 -9.06 -17.59
C MET A 321 1.95 -9.43 -18.66
N GLN A 322 2.41 -9.56 -19.89
CA GLN A 322 1.46 -9.79 -20.95
C GLN A 322 0.73 -11.12 -20.87
N LYS A 323 1.14 -12.04 -20.02
CA LYS A 323 0.39 -13.28 -19.91
C LYS A 323 -0.76 -13.23 -18.87
N TRP A 324 -0.82 -12.14 -18.13
CA TRP A 324 -1.84 -11.94 -17.11
C TRP A 324 -2.66 -10.72 -17.40
N ILE A 325 -2.01 -9.72 -17.95
CA ILE A 325 -2.65 -8.44 -18.26
C ILE A 325 -2.49 -8.16 -19.74
N PRO A 326 -3.32 -8.80 -20.57
CA PRO A 326 -3.31 -8.57 -22.02
C PRO A 326 -3.75 -7.13 -22.30
N PRO A 327 -3.82 -6.68 -23.55
CA PRO A 327 -4.12 -5.28 -23.76
C PRO A 327 -5.61 -5.05 -23.57
N TYR A 328 -5.96 -3.82 -23.24
CA TYR A 328 -7.31 -3.53 -22.84
C TYR A 328 -8.24 -3.71 -24.04
N GLN A 329 -9.37 -4.39 -23.81
CA GLN A 329 -10.38 -4.59 -24.85
C GLN A 329 -11.71 -3.91 -24.59
N GLY A 330 -11.78 -3.11 -23.51
CA GLY A 330 -13.01 -2.46 -23.07
C GLY A 330 -13.58 -2.97 -21.76
N TYR A 331 -14.32 -2.12 -21.06
CA TYR A 331 -14.97 -2.49 -19.83
C TYR A 331 -15.79 -3.76 -19.96
N ASN A 332 -15.60 -4.68 -19.02
CA ASN A 332 -16.31 -5.94 -18.92
C ASN A 332 -17.17 -6.02 -17.65
N ASN A 333 -18.46 -5.77 -17.75
CA ASN A 333 -19.35 -5.74 -16.57
C ASN A 333 -19.44 -7.05 -15.75
N SER A 334 -18.80 -8.10 -16.26
CA SER A 334 -18.89 -9.42 -15.64
C SER A 334 -17.71 -9.78 -14.79
N VAL A 335 -16.68 -8.96 -14.89
CA VAL A 335 -15.46 -9.11 -14.17
C VAL A 335 -15.68 -8.58 -12.77
N ASP A 336 -15.17 -9.34 -11.79
CA ASP A 336 -15.32 -8.98 -10.37
C ASP A 336 -14.17 -8.08 -10.00
N PRO A 337 -14.46 -6.81 -9.84
CA PRO A 337 -13.44 -5.80 -9.59
C PRO A 337 -12.88 -5.82 -8.20
N ARG A 338 -13.36 -6.68 -7.30
CA ARG A 338 -12.93 -6.64 -5.90
C ARG A 338 -11.54 -7.17 -5.59
N ILE A 339 -10.83 -6.41 -4.78
CA ILE A 339 -9.61 -6.89 -4.21
C ILE A 339 -9.85 -8.20 -3.43
N SER A 340 -9.07 -9.23 -3.74
CA SER A 340 -9.13 -10.51 -3.04
C SER A 340 -8.29 -10.44 -1.79
N ASN A 341 -8.62 -11.30 -0.82
CA ASN A 341 -7.92 -11.29 0.44
C ASN A 341 -6.45 -11.59 0.25
N VAL A 342 -6.11 -12.53 -0.61
CA VAL A 342 -4.70 -12.90 -0.81
C VAL A 342 -3.84 -11.78 -1.48
N PHE A 343 -4.43 -11.01 -2.39
CA PHE A 343 -3.73 -9.85 -2.95
C PHE A 343 -3.08 -8.96 -1.86
N THR A 344 -3.79 -8.70 -0.76
CA THR A 344 -3.24 -7.85 0.30
C THR A 344 -2.02 -8.43 1.00
N PHE A 345 -1.70 -9.67 0.73
CA PHE A 345 -0.45 -10.23 1.25
C PHE A 345 0.50 -10.36 0.10
N ALA A 346 -0.02 -10.60 -1.10
CA ALA A 346 0.88 -10.72 -2.24
C ALA A 346 1.56 -9.38 -2.44
N PHE A 347 0.77 -8.32 -2.37
CA PHE A 347 1.31 -6.97 -2.56
C PHE A 347 2.31 -6.63 -1.46
N ARG A 348 2.38 -7.42 -0.40
CA ARG A 348 3.36 -7.09 0.63
C ARG A 348 4.81 -7.39 0.25
N PHE A 349 5.05 -7.76 -0.99
CA PHE A 349 6.39 -8.07 -1.43
C PHE A 349 7.23 -6.85 -1.38
N GLY A 350 6.57 -5.72 -1.45
CA GLY A 350 7.26 -4.45 -1.37
C GLY A 350 8.03 -4.31 -0.07
N HIS A 351 7.76 -5.15 0.92
CA HIS A 351 8.44 -4.98 2.20
C HIS A 351 9.92 -5.34 2.12
N MET A 352 10.29 -6.09 1.08
CA MET A 352 11.65 -6.56 0.94
C MET A 352 12.38 -5.57 0.13
N GLU A 353 11.62 -4.60 -0.32
CA GLU A 353 12.16 -3.56 -1.17
C GLU A 353 12.57 -2.30 -0.43
N VAL A 354 12.47 -2.33 0.89
CA VAL A 354 12.72 -1.14 1.70
C VAL A 354 14.12 -1.14 2.30
N PRO A 355 14.93 -0.13 1.97
CA PRO A 355 16.33 0.03 2.41
C PRO A 355 16.48 0.53 3.83
N SER A 356 17.68 0.40 4.38
CA SER A 356 17.83 0.78 5.78
C SER A 356 17.87 2.27 6.05
N THR A 357 18.19 3.09 5.05
CA THR A 357 18.31 4.54 5.27
C THR A 357 17.54 5.43 4.28
N VAL A 358 17.35 6.69 4.65
CA VAL A 358 16.77 7.70 3.75
C VAL A 358 17.64 9.00 3.70
N SER A 359 17.83 9.53 2.49
CA SER A 359 18.69 10.67 2.27
C SER A 359 17.93 11.89 1.85
N ARG A 360 18.48 13.01 2.28
CA ARG A 360 18.05 14.31 1.82
C ARG A 360 19.23 14.82 0.98
N LEU A 361 18.94 15.32 -0.21
CA LEU A 361 19.97 15.82 -1.09
C LEU A 361 19.71 17.31 -1.34
N ASP A 362 20.77 18.08 -1.58
CA ASP A 362 20.62 19.50 -1.89
C ASP A 362 20.49 19.67 -3.38
N GLU A 363 20.39 20.92 -3.83
CA GLU A 363 20.13 21.19 -5.24
C GLU A 363 21.14 20.65 -6.26
N ASN A 364 22.32 20.28 -5.82
CA ASN A 364 23.28 19.66 -6.71
C ASN A 364 23.25 18.16 -6.48
N TYR A 365 22.22 17.72 -5.79
CA TYR A 365 22.04 16.30 -5.48
C TYR A 365 23.13 15.78 -4.53
N GLN A 366 23.66 16.71 -3.77
CA GLN A 366 24.68 16.38 -2.80
C GLN A 366 24.09 16.22 -1.35
N PRO A 367 24.88 15.42 -0.49
CA PRO A 367 24.49 15.18 0.93
C PRO A 367 24.08 16.47 1.55
N TRP A 368 22.85 16.58 2.00
CA TRP A 368 22.27 17.84 2.47
C TRP A 368 22.41 18.16 3.94
N GLY A 369 23.57 18.68 4.33
CA GLY A 369 23.86 18.95 5.71
C GLY A 369 24.74 17.80 6.18
N PRO A 370 24.95 17.69 7.45
CA PRO A 370 25.77 16.63 8.05
C PRO A 370 25.00 15.38 8.49
N GLU A 371 23.70 15.54 8.68
CA GLU A 371 22.89 14.42 9.12
C GLU A 371 21.93 14.06 7.97
N ALA A 372 22.54 13.82 6.81
CA ALA A 372 21.85 13.67 5.54
C ALA A 372 21.19 12.30 5.33
N GLU A 373 21.85 11.30 5.86
CA GLU A 373 21.37 9.97 5.78
C GLU A 373 20.79 9.61 7.12
N LEU A 374 19.57 9.09 7.12
CA LEU A 374 18.94 8.75 8.37
C LEU A 374 18.55 7.27 8.37
N PRO A 375 18.55 6.61 9.52
CA PRO A 375 18.04 5.24 9.58
C PRO A 375 16.50 5.27 9.49
N LEU A 376 15.99 4.32 8.72
CA LEU A 376 14.59 4.28 8.40
C LEU A 376 13.79 4.38 9.66
N HIS A 377 14.30 3.78 10.72
CA HIS A 377 13.45 3.64 11.87
C HIS A 377 13.12 4.95 12.58
N THR A 378 13.86 6.01 12.32
CA THR A 378 13.54 7.31 12.90
C THR A 378 12.57 8.05 12.02
N LEU A 379 12.10 7.42 10.95
CA LEU A 379 11.15 8.11 10.07
C LEU A 379 9.69 7.60 10.14
N PHE A 380 9.42 6.58 10.94
CA PHE A 380 8.05 6.14 11.13
C PHE A 380 7.30 7.27 11.86
N PHE A 381 6.18 7.70 11.27
CA PHE A 381 5.38 8.78 11.84
C PHE A 381 6.22 9.98 12.23
N ASN A 382 7.14 10.33 11.34
CA ASN A 382 8.00 11.45 11.55
C ASN A 382 7.55 12.48 10.53
N THR A 383 6.83 13.52 10.96
CA THR A 383 6.46 14.63 10.08
C THR A 383 7.30 15.85 10.40
N TRP A 384 8.01 15.84 11.51
CA TRP A 384 8.74 17.04 11.90
C TRP A 384 9.93 17.32 11.04
N ARG A 385 10.51 16.26 10.48
CA ARG A 385 11.68 16.38 9.64
C ARG A 385 11.23 16.97 8.31
N ILE A 386 9.94 16.88 8.02
CA ILE A 386 9.49 17.57 6.82
C ILE A 386 9.39 19.07 7.10
N ILE A 387 8.55 19.42 8.06
CA ILE A 387 8.23 20.79 8.35
C ILE A 387 9.33 21.55 8.98
N LYS A 388 10.12 20.90 9.82
CA LYS A 388 11.24 21.59 10.46
C LYS A 388 12.59 21.15 9.90
N ASP A 389 12.60 20.69 8.65
CA ASP A 389 13.85 20.40 7.94
C ASP A 389 13.72 20.52 6.44
N GLY A 390 13.42 21.71 5.95
CA GLY A 390 13.60 22.04 4.55
C GLY A 390 12.62 21.50 3.54
N GLY A 391 11.48 21.01 4.02
CA GLY A 391 10.42 20.64 3.12
C GLY A 391 10.62 19.32 2.43
N ILE A 392 9.93 19.12 1.32
CA ILE A 392 10.00 17.83 0.68
C ILE A 392 11.00 17.76 -0.47
N ASP A 393 11.43 18.92 -0.96
CA ASP A 393 12.37 18.91 -2.07
C ASP A 393 13.57 18.02 -1.79
N PRO A 394 14.24 18.18 -0.65
CA PRO A 394 15.36 17.27 -0.34
C PRO A 394 15.01 15.74 -0.31
N LEU A 395 13.84 15.37 0.19
CA LEU A 395 13.43 13.96 0.16
C LEU A 395 13.07 13.51 -1.25
N VAL A 396 12.46 14.41 -2.00
CA VAL A 396 12.06 14.08 -3.33
C VAL A 396 13.29 13.80 -4.18
N ARG A 397 14.39 14.49 -3.97
CA ARG A 397 15.51 14.17 -4.84
C ARG A 397 16.09 12.82 -4.38
N GLY A 398 16.12 12.57 -3.08
CA GLY A 398 16.50 11.25 -2.57
C GLY A 398 15.71 10.13 -3.24
N LEU A 399 14.41 10.35 -3.46
CA LEU A 399 13.54 9.37 -4.13
C LEU A 399 14.03 9.00 -5.54
N LEU A 400 14.59 9.99 -6.24
CA LEU A 400 15.04 9.76 -7.61
C LEU A 400 16.48 9.27 -7.71
N ALA A 401 17.32 9.73 -6.78
CA ALA A 401 18.76 9.50 -6.84
C ALA A 401 19.23 8.24 -6.17
N LYS A 402 18.45 7.74 -5.22
CA LYS A 402 18.82 6.57 -4.42
C LYS A 402 18.10 5.35 -4.94
N LYS A 403 18.52 4.15 -4.55
CA LYS A 403 17.93 2.95 -5.10
C LYS A 403 17.03 2.20 -4.13
N SER A 404 16.14 1.40 -4.67
CA SER A 404 15.34 0.51 -3.85
C SER A 404 16.30 -0.56 -3.32
N LYS A 405 15.80 -1.34 -2.34
CA LYS A 405 16.48 -2.56 -1.90
C LYS A 405 16.02 -3.68 -2.83
N LEU A 406 16.94 -4.55 -3.17
CA LEU A 406 16.64 -5.73 -3.95
C LEU A 406 16.23 -6.94 -3.06
N MET A 407 15.12 -7.58 -3.42
CA MET A 407 14.72 -8.79 -2.75
C MET A 407 15.87 -9.69 -2.98
N ASN A 408 16.16 -10.49 -1.97
CA ASN A 408 17.32 -11.34 -2.01
C ASN A 408 17.09 -12.48 -1.00
N GLN A 409 17.09 -13.73 -1.47
CA GLN A 409 16.75 -14.89 -0.63
C GLN A 409 17.47 -14.99 0.70
N ASP A 410 18.67 -14.39 0.79
CA ASP A 410 19.46 -14.38 2.03
C ASP A 410 19.22 -13.14 2.85
N LYS A 411 18.98 -12.01 2.21
CA LYS A 411 18.75 -10.72 2.90
C LYS A 411 17.37 -10.22 2.58
N MET A 412 16.43 -10.42 3.48
CA MET A 412 15.05 -10.40 3.06
C MET A 412 14.25 -9.17 3.48
N VAL A 413 14.32 -8.79 4.75
CA VAL A 413 13.65 -7.58 5.20
C VAL A 413 14.60 -6.91 6.17
N THR A 414 14.78 -5.61 6.01
CA THR A 414 15.76 -4.87 6.78
C THR A 414 15.37 -4.73 8.23
N SER A 415 16.40 -4.73 9.07
CA SER A 415 16.20 -4.66 10.51
C SER A 415 15.44 -3.44 10.91
N GLU A 416 15.59 -2.40 10.10
CA GLU A 416 14.83 -1.20 10.32
C GLU A 416 13.33 -1.53 10.40
N LEU A 417 12.88 -2.54 9.66
CA LEU A 417 11.48 -2.91 9.73
C LEU A 417 11.28 -4.15 10.56
N ARG A 418 12.29 -5.01 10.63
CA ARG A 418 12.13 -6.32 11.31
C ARG A 418 12.34 -6.29 12.81
N ASN A 419 12.94 -5.21 13.30
CA ASN A 419 13.25 -5.10 14.71
C ASN A 419 12.81 -3.81 15.33
N LYS A 420 12.72 -2.76 14.52
CA LYS A 420 12.60 -1.41 15.03
C LYS A 420 11.36 -0.71 14.51
N LEU A 421 10.34 -1.47 14.09
CA LEU A 421 9.12 -0.85 13.59
C LEU A 421 8.35 -0.18 14.74
N PHE A 422 7.87 1.03 14.47
CA PHE A 422 7.08 1.78 15.41
C PHE A 422 5.63 1.62 14.99
N GLN A 423 4.78 1.18 15.91
CA GLN A 423 3.33 0.96 15.67
C GLN A 423 2.60 2.13 16.36
N PRO A 424 1.67 2.75 15.64
CA PRO A 424 1.00 4.01 16.02
C PRO A 424 0.27 3.99 17.34
N THR A 425 0.19 2.81 17.95
CA THR A 425 -0.57 2.61 19.16
C THR A 425 0.29 2.36 20.40
N HIS A 426 1.52 1.91 20.20
CA HIS A 426 2.39 1.56 21.31
C HIS A 426 3.62 2.45 21.28
N LYS A 427 4.47 2.34 22.30
CA LYS A 427 5.48 3.36 22.53
C LYS A 427 6.83 3.10 21.88
N ILE A 428 7.18 1.83 21.73
CA ILE A 428 8.52 1.49 21.32
C ILE A 428 8.72 1.31 19.84
N HIS A 429 9.90 1.69 19.40
CA HIS A 429 10.36 1.23 18.11
C HIS A 429 10.87 -0.19 18.36
N GLY A 430 10.02 -1.21 18.12
CA GLY A 430 10.46 -2.55 18.43
C GLY A 430 9.55 -3.64 17.94
N PHE A 431 8.91 -3.38 16.84
CA PHE A 431 7.98 -4.33 16.27
C PHE A 431 8.60 -4.93 15.02
N ASP A 432 8.15 -6.12 14.69
CA ASP A 432 8.61 -6.84 13.51
C ASP A 432 7.53 -6.99 12.40
N LEU A 433 7.67 -6.15 11.38
CA LEU A 433 6.78 -6.20 10.22
C LEU A 433 6.66 -7.59 9.61
N ALA A 434 7.76 -8.35 9.62
CA ALA A 434 7.83 -9.68 9.02
C ALA A 434 6.90 -10.64 9.76
N ALA A 435 7.21 -10.90 11.04
CA ALA A 435 6.31 -11.60 11.98
C ALA A 435 4.85 -11.13 11.92
N ILE A 436 4.63 -9.81 11.97
CA ILE A 436 3.28 -9.25 11.82
C ILE A 436 2.63 -9.77 10.52
N ASN A 437 3.25 -9.48 9.40
CA ASN A 437 2.73 -9.96 8.15
C ASN A 437 2.45 -11.47 8.29
N LEU A 438 3.36 -12.28 8.93
CA LEU A 438 3.04 -13.70 9.08
C LEU A 438 1.84 -13.96 10.00
N GLN A 439 1.76 -13.25 11.11
CA GLN A 439 0.68 -13.47 12.03
C GLN A 439 -0.62 -13.13 11.32
N ARG A 440 -0.51 -12.19 10.39
CA ARG A 440 -1.66 -11.69 9.68
C ARG A 440 -2.16 -12.61 8.58
N CYS A 441 -1.34 -13.49 8.00
CA CYS A 441 -1.81 -14.47 7.03
C CYS A 441 -2.70 -15.37 7.78
N ARG A 442 -2.27 -15.70 8.98
CA ARG A 442 -2.97 -16.64 9.78
C ARG A 442 -4.29 -16.04 10.22
N ASP A 443 -4.26 -14.75 10.58
CA ASP A 443 -5.45 -13.99 11.01
C ASP A 443 -6.53 -14.00 9.90
N HIS A 444 -6.08 -13.88 8.65
CA HIS A 444 -6.98 -13.81 7.51
C HIS A 444 -7.42 -15.16 6.90
N GLY A 445 -7.11 -16.24 7.60
CA GLY A 445 -7.41 -17.56 7.10
C GLY A 445 -6.86 -17.96 5.75
N MET A 446 -5.69 -17.46 5.38
CA MET A 446 -5.10 -17.81 4.10
C MET A 446 -4.81 -19.30 3.95
N PRO A 447 -5.12 -19.86 2.79
CA PRO A 447 -4.61 -21.17 2.39
C PRO A 447 -3.10 -21.12 2.40
N GLY A 448 -2.46 -22.26 2.59
CA GLY A 448 -1.03 -22.34 2.55
C GLY A 448 -0.52 -22.23 1.15
N TYR A 449 0.80 -22.43 1.02
CA TYR A 449 1.51 -22.13 -0.22
C TYR A 449 1.19 -23.07 -1.40
N ASN A 450 1.04 -24.37 -1.13
CA ASN A 450 0.74 -25.29 -2.23
C ASN A 450 -0.64 -25.09 -2.80
N SER A 451 -1.57 -24.59 -1.98
CA SER A 451 -2.91 -24.29 -2.50
C SER A 451 -2.79 -23.20 -3.53
N TRP A 452 -1.89 -22.25 -3.31
CA TRP A 452 -1.73 -21.13 -4.24
C TRP A 452 -0.93 -21.50 -5.47
N ARG A 453 0.04 -22.40 -5.34
CA ARG A 453 0.73 -22.84 -6.53
C ARG A 453 -0.28 -23.56 -7.43
N GLY A 454 -1.14 -24.36 -6.79
CA GLY A 454 -2.19 -25.09 -7.47
C GLY A 454 -3.12 -24.15 -8.21
N PHE A 455 -3.59 -23.14 -7.49
CA PHE A 455 -4.46 -22.11 -8.06
C PHE A 455 -3.85 -21.46 -9.28
N CYS A 456 -2.57 -21.20 -9.26
CA CYS A 456 -1.95 -20.53 -10.39
C CYS A 456 -1.41 -21.56 -11.34
N GLY A 457 -1.90 -22.79 -11.22
CA GLY A 457 -1.48 -23.84 -12.12
C GLY A 457 0.01 -24.14 -12.11
N LEU A 458 0.68 -24.03 -10.96
CA LEU A 458 2.11 -24.30 -10.87
C LEU A 458 2.31 -25.51 -10.01
N SER A 459 3.40 -26.22 -10.25
CA SER A 459 3.74 -27.39 -9.49
C SER A 459 3.71 -27.20 -7.96
N GLN A 460 3.43 -28.28 -7.23
CA GLN A 460 3.31 -28.26 -5.79
C GLN A 460 4.28 -29.24 -5.16
N PRO A 461 5.43 -28.75 -4.74
CA PRO A 461 6.45 -29.60 -4.14
C PRO A 461 5.99 -30.21 -2.83
N LYS A 462 6.39 -31.45 -2.60
CA LYS A 462 5.94 -32.13 -1.40
C LYS A 462 7.15 -32.61 -0.62
N THR A 463 8.36 -32.30 -1.12
CA THR A 463 9.59 -32.77 -0.47
C THR A 463 10.63 -31.72 -0.50
N LEU A 464 11.61 -31.86 0.39
CA LEU A 464 12.75 -30.99 0.43
C LEU A 464 13.31 -30.86 -1.00
N LYS A 465 13.51 -31.96 -1.69
CA LYS A 465 14.11 -31.88 -3.00
C LYS A 465 13.20 -31.09 -3.89
N GLY A 466 11.90 -31.37 -3.78
CA GLY A 466 10.92 -30.63 -4.54
C GLY A 466 11.12 -29.13 -4.31
N LEU A 467 11.25 -28.74 -3.03
CA LEU A 467 11.28 -27.35 -2.64
C LEU A 467 12.51 -26.60 -3.12
N GLN A 468 13.66 -27.30 -3.10
CA GLN A 468 14.92 -26.72 -3.53
C GLN A 468 14.82 -26.35 -5.00
N THR A 469 14.14 -27.19 -5.75
CA THR A 469 14.08 -27.02 -7.19
C THR A 469 13.26 -25.83 -7.55
N VAL A 470 12.10 -25.73 -6.90
CA VAL A 470 11.29 -24.56 -7.06
C VAL A 470 12.08 -23.36 -6.57
N LEU A 471 12.41 -23.30 -5.29
CA LEU A 471 13.10 -22.12 -4.77
C LEU A 471 14.49 -21.85 -5.36
N LYS A 472 15.08 -22.90 -5.94
CA LYS A 472 16.41 -22.87 -6.51
C LYS A 472 17.47 -22.50 -5.51
N ASN A 473 17.32 -23.07 -4.32
CA ASN A 473 18.17 -22.78 -3.17
C ASN A 473 18.06 -23.89 -2.09
N LYS A 474 19.12 -24.68 -1.92
CA LYS A 474 19.13 -25.72 -0.91
C LYS A 474 18.99 -25.12 0.49
N ILE A 475 19.88 -24.19 0.84
CA ILE A 475 19.85 -23.64 2.19
C ILE A 475 18.46 -23.15 2.58
N LEU A 476 17.92 -22.17 1.87
CA LEU A 476 16.59 -21.64 2.17
C LEU A 476 15.54 -22.78 2.23
N ALA A 477 15.55 -23.67 1.26
CA ALA A 477 14.57 -24.75 1.31
C ALA A 477 14.63 -25.61 2.59
N LYS A 478 15.79 -25.75 3.21
CA LYS A 478 15.83 -26.61 4.39
C LYS A 478 15.39 -25.90 5.63
N LYS A 479 15.60 -24.59 5.67
CA LYS A 479 15.18 -23.77 6.79
C LYS A 479 13.65 -23.80 6.83
N LEU A 480 13.04 -23.66 5.66
CA LEU A 480 11.60 -23.64 5.58
C LEU A 480 11.00 -24.96 6.06
N MET A 481 11.65 -26.09 5.72
CA MET A 481 11.12 -27.44 6.00
C MET A 481 11.25 -27.81 7.42
N ASP A 482 12.36 -27.36 8.00
CA ASP A 482 12.61 -27.53 9.44
C ASP A 482 11.54 -26.79 10.24
N LEU A 483 11.16 -25.62 9.73
CA LEU A 483 10.21 -24.80 10.43
C LEU A 483 8.76 -25.21 10.17
N TYR A 484 8.47 -25.58 8.95
CA TYR A 484 7.11 -25.81 8.52
C TYR A 484 6.80 -27.27 8.40
N LYS A 485 7.80 -28.06 8.06
CA LYS A 485 7.65 -29.50 8.06
C LYS A 485 6.84 -30.02 6.95
N THR A 486 6.18 -29.17 6.17
CA THR A 486 5.60 -29.55 4.89
C THR A 486 5.39 -28.27 4.13
N PRO A 487 5.66 -28.27 2.83
CA PRO A 487 5.44 -27.07 2.03
C PRO A 487 3.97 -26.63 2.07
N ASP A 488 3.03 -27.58 2.20
CA ASP A 488 1.62 -27.25 2.31
C ASP A 488 1.37 -26.27 3.45
N ASN A 489 2.26 -26.27 4.44
CA ASN A 489 2.07 -25.38 5.58
C ASN A 489 2.73 -24.01 5.53
N ILE A 490 3.53 -23.76 4.49
CA ILE A 490 4.20 -22.48 4.30
C ILE A 490 3.27 -21.30 4.13
N ASP A 491 3.35 -20.33 5.05
CA ASP A 491 2.53 -19.12 4.96
C ASP A 491 2.78 -18.40 3.59
N ILE A 492 1.69 -17.99 2.93
CA ILE A 492 1.76 -17.47 1.56
C ILE A 492 2.74 -16.33 1.36
N TRP A 493 2.76 -15.39 2.30
CA TRP A 493 3.66 -14.25 2.19
C TRP A 493 5.13 -14.63 2.03
N ILE A 494 5.56 -15.62 2.79
CA ILE A 494 6.96 -15.96 2.73
C ILE A 494 7.20 -17.01 1.68
N GLY A 495 6.21 -17.85 1.41
CA GLY A 495 6.30 -18.75 0.28
C GLY A 495 6.44 -17.94 -1.00
N GLY A 496 5.56 -16.97 -1.19
CA GLY A 496 5.53 -16.16 -2.41
C GLY A 496 6.81 -15.38 -2.63
N ASN A 497 7.34 -14.83 -1.55
CA ASN A 497 8.54 -14.03 -1.66
C ASN A 497 9.84 -14.80 -1.72
N ALA A 498 9.83 -16.05 -1.29
CA ALA A 498 11.06 -16.86 -1.38
C ALA A 498 11.41 -17.36 -2.81
N GLU A 499 10.51 -17.20 -3.77
CA GLU A 499 10.76 -17.72 -5.11
C GLU A 499 11.67 -16.79 -5.86
N PRO A 500 12.53 -17.31 -6.73
CA PRO A 500 13.41 -16.42 -7.49
C PRO A 500 12.56 -15.54 -8.40
N MET A 501 13.18 -14.50 -8.96
CA MET A 501 12.45 -13.59 -9.75
C MET A 501 12.32 -14.06 -11.17
N VAL A 502 11.18 -13.71 -11.78
CA VAL A 502 10.92 -13.92 -13.18
C VAL A 502 11.77 -12.90 -13.95
N GLU A 503 11.88 -13.12 -15.25
CA GLU A 503 12.74 -12.34 -16.12
C GLU A 503 12.21 -10.93 -16.16
N ARG A 504 13.09 -9.97 -15.85
CA ARG A 504 12.79 -8.53 -15.87
C ARG A 504 11.83 -8.07 -14.80
N GLY A 505 11.43 -8.96 -13.90
CA GLY A 505 10.43 -8.62 -12.92
C GLY A 505 11.01 -8.43 -11.55
N ARG A 506 10.19 -8.31 -10.52
CA ARG A 506 10.74 -8.17 -9.19
C ARG A 506 10.02 -9.08 -8.21
N VAL A 507 9.22 -9.98 -8.79
CA VAL A 507 8.51 -11.00 -8.04
C VAL A 507 8.65 -12.33 -8.77
N GLY A 508 8.43 -13.44 -8.09
CA GLY A 508 8.46 -14.74 -8.76
C GLY A 508 7.18 -15.15 -9.47
N PRO A 509 7.15 -16.35 -10.03
CA PRO A 509 5.97 -16.85 -10.76
C PRO A 509 4.67 -16.83 -9.94
N LEU A 510 4.72 -17.23 -8.67
CA LEU A 510 3.51 -17.29 -7.85
C LEU A 510 2.94 -15.90 -7.65
N LEU A 511 3.77 -14.99 -7.17
CA LEU A 511 3.36 -13.60 -7.01
C LEU A 511 2.85 -12.95 -8.33
N ALA A 512 3.55 -13.18 -9.43
CA ALA A 512 3.19 -12.58 -10.73
C ALA A 512 1.80 -13.01 -11.19
N CYS A 513 1.44 -14.26 -10.90
CA CYS A 513 0.09 -14.73 -11.15
C CYS A 513 -0.92 -14.03 -10.26
N LEU A 514 -0.67 -14.01 -8.95
CA LEU A 514 -1.59 -13.33 -8.00
C LEU A 514 -1.67 -11.80 -8.23
N LEU A 515 -0.53 -11.12 -8.22
CA LEU A 515 -0.55 -9.73 -8.61
C LEU A 515 -1.23 -9.58 -9.95
N GLY A 516 -0.76 -10.29 -10.97
CA GLY A 516 -1.32 -10.21 -12.33
C GLY A 516 -2.82 -10.30 -12.46
N ARG A 517 -3.40 -11.38 -11.95
CA ARG A 517 -4.84 -11.49 -11.97
C ARG A 517 -5.61 -10.34 -11.33
N GLN A 518 -5.22 -9.93 -10.13
CA GLN A 518 -5.88 -8.79 -9.48
C GLN A 518 -5.90 -7.57 -10.36
N PHE A 519 -4.73 -7.19 -10.88
CA PHE A 519 -4.66 -5.97 -11.68
C PHE A 519 -5.47 -6.05 -12.96
N GLN A 520 -5.43 -7.19 -13.64
CA GLN A 520 -6.27 -7.40 -14.79
C GLN A 520 -7.72 -7.12 -14.44
N GLN A 521 -8.16 -7.68 -13.32
CA GLN A 521 -9.55 -7.54 -12.92
C GLN A 521 -9.90 -6.12 -12.50
N ILE A 522 -9.04 -5.45 -11.74
CA ILE A 522 -9.41 -4.09 -11.32
C ILE A 522 -9.46 -3.16 -12.51
N ARG A 523 -8.66 -3.45 -13.52
CA ARG A 523 -8.77 -2.64 -14.72
C ARG A 523 -9.99 -3.05 -15.59
N ASP A 524 -10.21 -4.35 -15.82
CA ASP A 524 -11.30 -4.77 -16.73
C ASP A 524 -12.65 -4.55 -16.08
N GLY A 525 -12.63 -4.47 -14.75
CA GLY A 525 -13.86 -4.36 -14.01
C GLY A 525 -14.22 -2.93 -13.70
N ASP A 526 -13.44 -1.98 -14.15
CA ASP A 526 -13.66 -0.57 -13.76
C ASP A 526 -14.37 0.24 -14.83
N ARG A 527 -15.61 0.66 -14.54
CA ARG A 527 -16.40 1.41 -15.53
C ARG A 527 -15.71 2.68 -15.86
N PHE A 528 -14.86 3.14 -14.95
CA PHE A 528 -14.20 4.42 -15.09
C PHE A 528 -12.72 4.31 -15.44
N TRP A 529 -12.29 3.15 -15.87
CA TRP A 529 -10.94 3.03 -16.40
C TRP A 529 -10.74 4.12 -17.49
N TRP A 530 -9.63 4.83 -17.41
CA TRP A 530 -9.38 6.00 -18.29
C TRP A 530 -9.50 5.75 -19.83
N GLU A 531 -9.16 4.56 -20.29
CA GLU A 531 -9.29 4.22 -21.70
C GLU A 531 -10.71 3.78 -22.11
N ASN A 532 -11.59 3.62 -21.13
CA ASN A 532 -12.93 3.18 -21.46
C ASN A 532 -13.61 4.25 -22.30
N PRO A 533 -14.06 3.89 -23.50
CA PRO A 533 -14.76 4.83 -24.38
C PRO A 533 -15.85 5.64 -23.65
N GLY A 534 -15.80 6.95 -23.81
CA GLY A 534 -16.79 7.82 -23.21
C GLY A 534 -16.51 8.40 -21.83
N VAL A 535 -15.45 7.93 -21.16
CA VAL A 535 -15.06 8.42 -19.84
C VAL A 535 -14.30 9.73 -20.01
N PHE A 536 -13.31 9.69 -20.89
CA PHE A 536 -12.61 10.88 -21.34
C PHE A 536 -12.85 11.00 -22.83
N THR A 537 -12.49 12.11 -23.44
CA THR A 537 -12.59 12.20 -24.90
C THR A 537 -11.25 11.83 -25.52
N GLU A 538 -11.29 11.26 -26.71
CA GLU A 538 -10.15 10.88 -27.53
C GLU A 538 -9.03 11.89 -27.37
N LYS A 539 -9.39 13.16 -27.33
CA LYS A 539 -8.43 14.25 -27.28
C LYS A 539 -7.86 14.42 -25.89
N GLN A 540 -8.74 14.23 -24.90
CA GLN A 540 -8.31 14.23 -23.51
C GLN A 540 -7.37 13.05 -23.32
N ARG A 541 -7.77 11.91 -23.85
CA ARG A 541 -6.95 10.71 -23.75
C ARG A 541 -5.58 10.86 -24.34
N ASP A 542 -5.50 11.55 -25.46
CA ASP A 542 -4.24 11.86 -26.13
C ASP A 542 -3.29 12.71 -25.26
N SER A 543 -3.88 13.53 -24.41
CA SER A 543 -3.14 14.47 -23.60
C SER A 543 -2.69 13.81 -22.30
N LEU A 544 -3.40 12.74 -21.93
CA LEU A 544 -3.08 12.00 -20.71
C LEU A 544 -1.97 10.95 -20.89
N GLN A 545 -1.73 10.55 -22.13
CA GLN A 545 -0.67 9.59 -22.42
C GLN A 545 0.70 10.21 -22.27
N LYS A 546 0.72 11.53 -22.12
CA LYS A 546 1.94 12.31 -21.95
C LYS A 546 2.33 12.49 -20.48
N VAL A 547 1.49 12.05 -19.54
CA VAL A 547 1.81 12.27 -18.12
C VAL A 547 3.02 11.46 -17.75
N SER A 548 3.77 11.96 -16.79
CA SER A 548 4.93 11.24 -16.34
C SER A 548 5.17 11.68 -14.92
N PHE A 549 5.75 10.82 -14.10
CA PHE A 549 6.00 11.21 -12.74
C PHE A 549 7.04 12.32 -12.69
N SER A 550 7.92 12.39 -13.66
CA SER A 550 8.88 13.51 -13.71
C SER A 550 8.17 14.86 -13.85
N ARG A 551 7.22 14.93 -14.77
CA ARG A 551 6.48 16.16 -14.89
C ARG A 551 5.90 16.47 -13.53
N LEU A 552 5.25 15.48 -12.93
CA LEU A 552 4.56 15.72 -11.68
C LEU A 552 5.48 16.40 -10.72
N ILE A 553 6.74 15.98 -10.75
CA ILE A 553 7.74 16.57 -9.88
C ILE A 553 7.99 18.02 -10.26
N CYS A 554 8.24 18.26 -11.53
CA CYS A 554 8.53 19.62 -12.01
C CYS A 554 7.43 20.61 -11.65
N ASP A 555 6.18 20.22 -11.81
CA ASP A 555 5.10 21.15 -11.61
C ASP A 555 4.77 21.40 -10.17
N ASN A 556 5.34 20.61 -9.25
CA ASN A 556 4.90 20.64 -7.86
C ASN A 556 5.98 20.76 -6.79
N THR A 557 7.20 21.02 -7.23
CA THR A 557 8.33 21.20 -6.31
C THR A 557 9.28 22.18 -6.94
N HIS A 558 10.38 22.49 -6.27
CA HIS A 558 11.37 23.36 -6.89
C HIS A 558 12.57 22.58 -7.37
N ILE A 559 12.30 21.44 -7.98
CA ILE A 559 13.38 20.66 -8.55
C ILE A 559 13.31 20.98 -10.02
N THR A 560 14.47 21.13 -10.65
CA THR A 560 14.52 21.51 -12.07
C THR A 560 15.33 20.50 -12.86
N LYS A 561 15.89 19.54 -12.14
CA LYS A 561 16.57 18.44 -12.79
C LYS A 561 15.86 17.15 -12.38
N VAL A 562 15.37 16.42 -13.37
CA VAL A 562 14.69 15.16 -13.15
C VAL A 562 15.18 14.14 -14.17
N PRO A 563 15.01 12.86 -13.90
CA PRO A 563 15.23 11.85 -14.92
C PRO A 563 13.95 11.67 -15.76
N LEU A 564 14.06 11.12 -16.97
CA LEU A 564 12.90 10.97 -17.82
C LEU A 564 12.13 9.76 -17.39
N HIS A 565 12.85 8.70 -17.00
CA HIS A 565 12.23 7.46 -16.53
C HIS A 565 12.55 7.34 -15.07
N ALA A 566 11.63 7.74 -14.20
CA ALA A 566 11.95 7.86 -12.80
C ALA A 566 12.12 6.60 -12.03
N PHE A 567 11.54 5.51 -12.54
CA PHE A 567 11.55 4.24 -11.79
C PHE A 567 12.83 3.41 -11.96
N GLN A 568 13.60 3.63 -13.00
CA GLN A 568 14.89 2.92 -13.10
C GLN A 568 15.97 3.68 -12.34
N ALA A 569 17.10 3.04 -12.07
CA ALA A 569 18.15 3.75 -11.33
C ALA A 569 18.82 4.81 -12.19
N ASN A 570 18.98 6.02 -11.67
CA ASN A 570 19.50 7.14 -12.42
C ASN A 570 20.59 7.89 -11.73
N ASN A 571 21.74 8.01 -12.38
CA ASN A 571 22.87 8.74 -11.78
C ASN A 571 22.88 10.21 -12.15
N TYR A 572 22.97 11.08 -11.16
CA TYR A 572 23.08 12.52 -11.39
C TYR A 572 24.55 12.82 -11.67
N PRO A 573 24.85 13.64 -12.67
CA PRO A 573 23.88 14.35 -13.51
C PRO A 573 23.61 13.71 -14.87
N HIS A 574 24.38 12.68 -15.24
CA HIS A 574 24.26 12.14 -16.58
C HIS A 574 22.82 11.84 -17.02
N ASP A 575 22.03 11.22 -16.15
CA ASP A 575 20.65 10.84 -16.47
C ASP A 575 19.63 11.92 -16.17
N PHE A 576 20.10 13.13 -15.86
CA PHE A 576 19.21 14.18 -15.39
C PHE A 576 19.06 15.33 -16.37
N VAL A 577 17.84 15.60 -16.77
CA VAL A 577 17.60 16.67 -17.73
C VAL A 577 16.93 17.89 -17.09
N ASP A 578 16.68 18.93 -17.87
CA ASP A 578 16.02 20.13 -17.36
C ASP A 578 14.50 19.95 -17.33
N CYS A 579 13.88 20.32 -16.22
CA CYS A 579 12.43 20.21 -16.10
C CYS A 579 11.75 20.84 -17.27
N SER A 580 12.54 21.47 -18.10
CA SER A 580 12.00 22.50 -18.97
C SER A 580 11.99 22.02 -20.32
N THR A 581 11.35 20.88 -20.45
CA THR A 581 11.73 19.98 -21.51
C THR A 581 10.86 18.75 -21.40
N VAL A 582 10.63 18.30 -20.18
CA VAL A 582 9.73 17.18 -19.97
C VAL A 582 8.32 17.51 -20.47
N ASP A 583 7.73 16.59 -21.24
CA ASP A 583 6.37 16.73 -21.73
C ASP A 583 5.45 17.25 -20.62
N LYS A 584 4.69 18.28 -20.92
CA LYS A 584 3.68 18.77 -19.99
C LYS A 584 2.30 18.20 -20.33
N LEU A 585 1.44 18.06 -19.34
CA LEU A 585 0.07 17.64 -19.57
C LEU A 585 -0.72 18.79 -20.21
N ASP A 586 -0.86 18.78 -21.53
CA ASP A 586 -1.61 19.83 -22.22
C ASP A 586 -3.05 19.75 -21.76
N LEU A 587 -3.53 20.85 -21.27
CA LEU A 587 -4.75 20.81 -20.49
C LEU A 587 -5.90 21.59 -21.05
N SER A 588 -5.80 21.80 -22.35
CA SER A 588 -6.79 22.53 -23.06
C SER A 588 -7.94 21.70 -23.62
N PRO A 589 -7.73 20.42 -23.95
CA PRO A 589 -8.84 19.50 -24.27
C PRO A 589 -10.01 19.51 -23.30
N TRP A 590 -9.89 20.30 -22.25
CA TRP A 590 -10.88 20.36 -21.21
C TRP A 590 -11.68 21.64 -21.27
N ALA A 591 -11.52 22.42 -22.34
CA ALA A 591 -12.28 23.66 -22.54
C ALA A 591 -13.79 23.37 -22.82
N SER A 592 -14.68 24.27 -22.36
CA SER A 592 -16.14 24.13 -22.55
C SER A 592 -16.86 25.42 -23.05
N ARG A 593 -17.33 25.40 -24.30
CA ARG A 593 -18.01 26.56 -24.93
C ARG A 593 -19.52 26.30 -25.13
N GLU A 594 -20.38 27.11 -24.49
CA GLU A 594 -21.88 27.01 -24.51
C GLU A 594 -22.71 27.48 -25.74
N ASN A 595 -22.11 28.19 -26.70
CA ASN A 595 -22.92 28.56 -27.85
C ASN A 595 -22.90 27.39 -28.84
#